data_9HH7
#
_entry.id   9HH7
#
_cell.length_a   38.120
_cell.length_b   88.215
_cell.length_c   108.493
_cell.angle_alpha   90.000
_cell.angle_beta   90.000
_cell.angle_gamma   90.000
#
_symmetry.space_group_name_H-M   'I 2 2 2'
#
loop_
_entity.id
_entity.type
_entity.pdbx_description
1 polymer 'Bromodomain protein 1'
2 non-polymer 3-methyl-4-(3-methyl-4-oxidanylidene-5,6,7,8-tetrahydro-2~{H}-cyclohepta[c]pyrrol-1-yl)benzamide
3 water water
#
_entity_poly.entity_id   1
_entity_poly.type   'polypeptide(L)'
_entity_poly.pdbx_seq_one_letter_code
;GPLGSPEFMNKQWYLLANQLILSLSKYEGGHIFEKLVDAKKQNCPDYYDVIKNPMSFSCIKTKLKKGQYAYPSEFVKDVQ
LIFDNCSLYNTSNSVVAITGKNIETYFNNQLIVMGYNNFILKEKKINDMLKLVEEEN
;
_entity_poly.pdbx_strand_id   A
#
# COMPACT_ATOMS: atom_id res chain seq x y z
N LEU A 3 -0.91 -27.30 -3.81
CA LEU A 3 -1.97 -26.37 -3.45
C LEU A 3 -1.57 -25.54 -2.23
N GLY A 4 -0.73 -26.11 -1.38
CA GLY A 4 -0.18 -25.43 -0.22
C GLY A 4 1.25 -24.97 -0.38
N SER A 5 1.80 -25.03 -1.60
CA SER A 5 3.19 -24.68 -1.83
C SER A 5 3.43 -23.20 -1.52
N PRO A 6 4.68 -22.83 -1.24
CA PRO A 6 4.98 -21.40 -1.07
C PRO A 6 4.65 -20.57 -2.30
N GLU A 7 4.68 -21.17 -3.48
CA GLU A 7 4.31 -20.44 -4.69
C GLU A 7 2.82 -20.18 -4.75
N PHE A 8 2.01 -21.14 -4.28
CA PHE A 8 0.56 -20.93 -4.25
C PHE A 8 0.20 -19.77 -3.32
N MET A 9 0.86 -19.71 -2.15
CA MET A 9 0.63 -18.58 -1.25
C MET A 9 1.16 -17.28 -1.85
N ASN A 10 2.33 -17.33 -2.50
N ASN A 10 2.32 -17.34 -2.51
CA ASN A 10 2.87 -16.13 -3.12
CA ASN A 10 2.88 -16.14 -3.14
C ASN A 10 1.99 -15.63 -4.26
C ASN A 10 1.97 -15.64 -4.24
N LYS A 11 1.34 -16.54 -4.98
CA LYS A 11 0.38 -16.12 -6.01
C LYS A 11 -0.90 -15.59 -5.36
N GLN A 12 -1.24 -16.08 -4.17
CA GLN A 12 -2.48 -15.65 -3.51
C GLN A 12 -2.41 -14.18 -3.09
N TRP A 13 -1.42 -13.84 -2.25
CA TRP A 13 -1.36 -12.47 -1.75
C TRP A 13 -0.98 -11.47 -2.84
N TYR A 14 -0.42 -11.93 -3.96
CA TYR A 14 -0.27 -11.04 -5.11
C TYR A 14 -1.63 -10.72 -5.72
N LEU A 15 -2.54 -11.69 -5.73
CA LEU A 15 -3.90 -11.43 -6.21
C LEU A 15 -4.69 -10.61 -5.20
N LEU A 16 -4.50 -10.87 -3.90
CA LEU A 16 -5.19 -10.07 -2.89
C LEU A 16 -4.72 -8.63 -2.90
N ALA A 17 -3.41 -8.42 -3.05
CA ALA A 17 -2.90 -7.05 -3.14
C ALA A 17 -3.40 -6.35 -4.39
N ASN A 18 -3.48 -7.07 -5.51
CA ASN A 18 -3.98 -6.47 -6.74
C ASN A 18 -5.45 -6.08 -6.61
N GLN A 19 -6.23 -6.90 -5.90
CA GLN A 19 -7.61 -6.52 -5.63
C GLN A 19 -7.69 -5.39 -4.62
N LEU A 20 -6.76 -5.35 -3.65
CA LEU A 20 -6.74 -4.26 -2.68
C LEU A 20 -6.44 -2.93 -3.34
N ILE A 21 -5.42 -2.89 -4.20
CA ILE A 21 -5.07 -1.64 -4.84
C ILE A 21 -6.15 -1.19 -5.82
N LEU A 22 -6.99 -2.11 -6.30
CA LEU A 22 -8.12 -1.71 -7.13
C LEU A 22 -9.24 -1.11 -6.30
N SER A 23 -9.56 -1.73 -5.17
CA SER A 23 -10.62 -1.20 -4.30
C SER A 23 -10.23 0.16 -3.73
N LEU A 24 -8.93 0.39 -3.52
CA LEU A 24 -8.49 1.70 -3.05
C LEU A 24 -8.62 2.75 -4.14
N SER A 25 -8.32 2.39 -5.39
CA SER A 25 -8.50 3.29 -6.52
C SER A 25 -9.98 3.61 -6.78
N LYS A 26 -10.90 2.73 -6.39
CA LYS A 26 -12.32 2.98 -6.61
C LYS A 26 -13.00 3.65 -5.43
N TYR A 27 -12.37 3.67 -4.26
CA TYR A 27 -12.99 4.24 -3.08
C TYR A 27 -13.12 5.76 -3.23
N GLU A 28 -14.02 6.33 -2.43
CA GLU A 28 -14.25 7.77 -2.46
C GLU A 28 -12.97 8.54 -2.21
N GLY A 29 -12.67 9.50 -3.09
CA GLY A 29 -11.47 10.28 -3.00
C GLY A 29 -10.20 9.57 -3.41
N GLY A 30 -10.29 8.31 -3.81
CA GLY A 30 -9.09 7.55 -4.17
C GLY A 30 -8.36 8.10 -5.37
N HIS A 31 -9.03 8.92 -6.18
CA HIS A 31 -8.39 9.49 -7.36
C HIS A 31 -7.22 10.41 -7.01
N ILE A 32 -7.18 10.93 -5.78
CA ILE A 32 -6.11 11.84 -5.39
C ILE A 32 -4.83 11.11 -5.02
N PHE A 33 -4.86 9.78 -4.91
CA PHE A 33 -3.68 8.99 -4.63
C PHE A 33 -3.26 8.11 -5.80
N GLU A 34 -3.99 8.15 -6.92
CA GLU A 34 -3.71 7.23 -8.02
C GLU A 34 -2.37 7.55 -8.68
N LYS A 35 -2.15 8.80 -9.05
CA LYS A 35 -0.91 9.24 -9.68
C LYS A 35 -0.12 10.12 -8.71
N LEU A 36 1.18 10.23 -8.98
CA LEU A 36 2.03 11.07 -8.15
C LEU A 36 1.60 12.53 -8.27
N VAL A 37 1.87 13.29 -7.21
CA VAL A 37 1.40 14.67 -7.14
C VAL A 37 2.20 15.53 -8.11
N ASP A 38 1.51 16.14 -9.07
CA ASP A 38 2.14 17.12 -9.95
C ASP A 38 2.15 18.46 -9.23
N ALA A 39 3.35 18.88 -8.81
CA ALA A 39 3.47 20.06 -7.95
C ALA A 39 2.89 21.31 -8.59
N LYS A 40 3.02 21.46 -9.92
CA LYS A 40 2.52 22.65 -10.59
C LYS A 40 1.01 22.60 -10.77
N LYS A 41 0.47 21.44 -11.18
CA LYS A 41 -0.96 21.36 -11.46
C LYS A 41 -1.80 21.41 -10.19
N GLN A 42 -1.25 20.94 -9.06
CA GLN A 42 -1.97 20.95 -7.79
C GLN A 42 -1.61 22.16 -6.92
N ASN A 43 -0.78 23.07 -7.41
CA ASN A 43 -0.38 24.28 -6.70
C ASN A 43 0.28 23.94 -5.36
N CYS A 44 1.32 23.11 -5.42
CA CYS A 44 2.07 22.70 -4.25
C CYS A 44 3.55 22.61 -4.60
N PRO A 45 4.22 23.76 -4.69
CA PRO A 45 5.62 23.76 -5.17
C PRO A 45 6.61 23.17 -4.17
N ASP A 46 6.19 22.91 -2.93
CA ASP A 46 7.09 22.40 -1.90
C ASP A 46 6.80 20.96 -1.52
N TYR A 47 6.03 20.24 -2.34
CA TYR A 47 5.65 18.88 -1.97
C TYR A 47 6.86 17.96 -1.91
N TYR A 48 7.70 17.98 -2.94
CA TYR A 48 8.87 17.12 -2.99
C TYR A 48 10.07 17.66 -2.22
N ASP A 49 9.93 18.83 -1.61
CA ASP A 49 10.89 19.30 -0.61
C ASP A 49 10.57 18.76 0.77
N VAL A 50 9.34 18.27 0.97
CA VAL A 50 8.94 17.64 2.22
C VAL A 50 8.81 16.14 2.07
N ILE A 51 8.17 15.69 0.98
CA ILE A 51 7.98 14.27 0.71
C ILE A 51 9.15 13.80 -0.15
N LYS A 52 10.08 13.06 0.46
CA LYS A 52 11.26 12.59 -0.24
C LYS A 52 11.11 11.16 -0.77
N ASN A 53 10.10 10.42 -0.32
CA ASN A 53 9.83 9.06 -0.77
C ASN A 53 8.39 9.01 -1.28
N PRO A 54 8.14 9.54 -2.48
CA PRO A 54 6.77 9.59 -3.00
C PRO A 54 6.26 8.21 -3.36
N MET A 55 4.94 8.07 -3.35
CA MET A 55 4.29 6.80 -3.64
C MET A 55 2.85 7.05 -4.05
N SER A 56 2.39 6.31 -5.05
CA SER A 56 1.03 6.42 -5.55
C SER A 56 0.50 5.02 -5.85
N PHE A 57 -0.80 4.94 -6.12
CA PHE A 57 -1.41 3.67 -6.48
C PHE A 57 -0.82 3.12 -7.78
N SER A 58 -0.53 4.01 -8.74
CA SER A 58 0.06 3.58 -10.00
C SER A 58 1.46 3.02 -9.80
N CYS A 59 2.21 3.59 -8.84
CA CYS A 59 3.54 3.07 -8.54
C CYS A 59 3.46 1.68 -7.92
N ILE A 60 2.41 1.41 -7.14
CA ILE A 60 2.27 0.10 -6.52
C ILE A 60 1.75 -0.92 -7.53
N LYS A 61 0.84 -0.49 -8.42
CA LYS A 61 0.35 -1.41 -9.45
C LYS A 61 1.48 -1.82 -10.39
N THR A 62 2.42 -0.92 -10.66
CA THR A 62 3.54 -1.26 -11.51
C THR A 62 4.47 -2.26 -10.83
N LYS A 63 4.77 -2.05 -9.54
CA LYS A 63 5.62 -2.98 -8.82
C LYS A 63 4.96 -4.35 -8.70
N LEU A 64 3.63 -4.40 -8.61
CA LEU A 64 2.94 -5.69 -8.62
C LEU A 64 3.03 -6.34 -9.99
N LYS A 65 2.90 -5.56 -11.06
CA LYS A 65 2.96 -6.12 -12.40
C LYS A 65 4.36 -6.64 -12.73
N LYS A 66 5.39 -5.93 -12.25
CA LYS A 66 6.76 -6.34 -12.50
C LYS A 66 7.29 -7.32 -11.45
N GLY A 67 6.45 -7.74 -10.50
CA GLY A 67 6.89 -8.71 -9.50
C GLY A 67 7.98 -8.20 -8.60
N GLN A 68 7.89 -6.95 -8.15
CA GLN A 68 8.93 -6.34 -7.34
C GLN A 68 8.61 -6.37 -5.84
N TYR A 69 7.64 -7.16 -5.43
CA TYR A 69 7.35 -7.38 -4.00
C TYR A 69 7.75 -8.80 -3.64
N ALA A 70 8.63 -8.93 -2.65
CA ALA A 70 9.09 -10.22 -2.17
C ALA A 70 8.24 -10.76 -1.03
N TYR A 71 7.79 -9.88 -0.13
CA TYR A 71 6.96 -10.26 1.01
C TYR A 71 5.63 -9.53 0.95
N PRO A 72 4.57 -10.11 1.51
CA PRO A 72 3.29 -9.37 1.58
C PRO A 72 3.35 -8.14 2.46
N SER A 73 4.30 -8.06 3.40
CA SER A 73 4.43 -6.87 4.23
C SER A 73 4.98 -5.68 3.46
N GLU A 74 5.67 -5.92 2.35
CA GLU A 74 6.21 -4.85 1.52
C GLU A 74 5.13 -4.10 0.76
N PHE A 75 4.07 -4.80 0.35
CA PHE A 75 2.95 -4.14 -0.31
C PHE A 75 2.25 -3.17 0.64
N VAL A 76 2.03 -3.60 1.88
CA VAL A 76 1.36 -2.76 2.86
C VAL A 76 2.20 -1.52 3.17
N LYS A 77 3.53 -1.68 3.22
CA LYS A 77 4.39 -0.54 3.53
C LYS A 77 4.30 0.54 2.47
N ASP A 78 4.20 0.15 1.19
CA ASP A 78 4.06 1.13 0.13
C ASP A 78 2.69 1.82 0.19
N VAL A 79 1.64 1.07 0.49
CA VAL A 79 0.32 1.69 0.65
C VAL A 79 0.32 2.60 1.86
N GLN A 80 0.89 2.15 2.98
CA GLN A 80 0.93 2.99 4.18
C GLN A 80 1.78 4.23 3.98
N LEU A 81 2.80 4.14 3.11
CA LEU A 81 3.62 5.31 2.82
C LEU A 81 2.79 6.42 2.17
N ILE A 82 1.84 6.05 1.33
CA ILE A 82 0.95 7.04 0.73
C ILE A 82 0.19 7.78 1.83
N PHE A 83 -0.36 7.04 2.79
CA PHE A 83 -1.13 7.66 3.86
C PHE A 83 -0.24 8.42 4.83
N ASP A 84 1.02 8.01 4.95
CA ASP A 84 1.96 8.74 5.82
C ASP A 84 2.41 10.04 5.18
N ASN A 85 2.67 10.02 3.86
CA ASN A 85 2.98 11.26 3.16
C ASN A 85 1.79 12.21 3.17
N CYS A 86 0.58 11.66 3.15
CA CYS A 86 -0.62 12.49 3.20
C CYS A 86 -0.77 13.16 4.57
N SER A 87 -0.56 12.39 5.65
CA SER A 87 -0.70 12.95 6.99
C SER A 87 0.42 13.92 7.33
N LEU A 88 1.53 13.88 6.61
CA LEU A 88 2.66 14.79 6.84
C LEU A 88 2.46 16.13 6.15
N TYR A 89 2.28 16.12 4.83
CA TYR A 89 2.25 17.38 4.08
C TYR A 89 0.97 18.17 4.34
N ASN A 90 -0.15 17.49 4.54
CA ASN A 90 -1.45 18.14 4.63
C ASN A 90 -1.84 18.41 6.08
N THR A 91 -2.46 19.57 6.30
CA THR A 91 -2.94 19.94 7.63
C THR A 91 -4.09 19.02 8.05
N SER A 92 -4.22 18.85 9.37
CA SER A 92 -5.12 17.83 9.92
C SER A 92 -6.59 18.08 9.59
N ASN A 93 -6.98 19.33 9.34
CA ASN A 93 -8.37 19.65 9.02
C ASN A 93 -8.60 19.87 7.52
N SER A 94 -7.62 19.55 6.68
CA SER A 94 -7.77 19.71 5.25
C SER A 94 -8.56 18.55 4.67
N VAL A 95 -9.16 18.79 3.49
CA VAL A 95 -9.96 17.76 2.83
C VAL A 95 -9.09 16.56 2.47
N VAL A 96 -7.85 16.81 2.01
CA VAL A 96 -6.99 15.71 1.61
C VAL A 96 -6.64 14.84 2.81
N ALA A 97 -6.30 15.46 3.95
CA ALA A 97 -5.95 14.69 5.13
C ALA A 97 -7.13 13.86 5.63
N ILE A 98 -8.34 14.41 5.56
CA ILE A 98 -9.52 13.64 5.93
C ILE A 98 -9.73 12.47 4.98
N THR A 99 -9.61 12.74 3.67
CA THR A 99 -9.74 11.67 2.68
C THR A 99 -8.69 10.59 2.89
N GLY A 100 -7.45 11.00 3.15
CA GLY A 100 -6.39 10.03 3.38
C GLY A 100 -6.66 9.15 4.58
N LYS A 101 -7.17 9.73 5.67
CA LYS A 101 -7.51 8.93 6.84
C LYS A 101 -8.68 8.00 6.55
N ASN A 102 -9.63 8.42 5.70
CA ASN A 102 -10.77 7.56 5.41
C ASN A 102 -10.35 6.34 4.59
N ILE A 103 -9.47 6.54 3.61
CA ILE A 103 -9.00 5.41 2.81
C ILE A 103 -8.03 4.54 3.62
N GLU A 104 -7.31 5.15 4.55
CA GLU A 104 -6.44 4.37 5.43
C GLU A 104 -7.26 3.38 6.25
N THR A 105 -8.36 3.84 6.85
CA THR A 105 -9.23 2.94 7.58
C THR A 105 -9.81 1.86 6.67
N TYR A 106 -10.25 2.26 5.47
CA TYR A 106 -10.78 1.29 4.52
C TYR A 106 -9.73 0.25 4.16
N PHE A 107 -8.49 0.67 3.92
CA PHE A 107 -7.44 -0.27 3.57
C PHE A 107 -7.15 -1.24 4.71
N ASN A 108 -7.06 -0.73 5.94
CA ASN A 108 -6.77 -1.59 7.08
C ASN A 108 -7.92 -2.55 7.35
N ASN A 109 -9.17 -2.11 7.14
CA ASN A 109 -10.29 -3.01 7.30
C ASN A 109 -10.37 -4.03 6.18
N GLN A 110 -9.93 -3.66 4.98
CA GLN A 110 -9.88 -4.62 3.88
C GLN A 110 -8.81 -5.68 4.13
N LEU A 111 -7.71 -5.33 4.81
CA LEU A 111 -6.72 -6.32 5.18
C LEU A 111 -7.31 -7.37 6.14
N ILE A 112 -8.25 -6.96 6.98
CA ILE A 112 -8.89 -7.89 7.91
C ILE A 112 -9.87 -8.78 7.17
N VAL A 113 -10.70 -8.18 6.31
CA VAL A 113 -11.73 -8.94 5.61
C VAL A 113 -11.11 -9.93 4.63
N MET A 114 -10.06 -9.51 3.93
CA MET A 114 -9.44 -10.37 2.94
C MET A 114 -8.47 -11.38 3.55
N GLY A 115 -8.20 -11.29 4.85
CA GLY A 115 -7.22 -12.17 5.45
C GLY A 115 -5.81 -11.95 4.98
N TYR A 116 -5.49 -10.73 4.51
CA TYR A 116 -4.14 -10.45 4.04
C TYR A 116 -3.14 -10.47 5.19
N ASN A 117 -3.57 -10.11 6.40
CA ASN A 117 -2.66 -10.08 7.54
C ASN A 117 -2.15 -11.47 7.88
N ASN A 118 -2.95 -12.52 7.65
CA ASN A 118 -2.49 -13.87 7.92
C ASN A 118 -1.34 -14.26 6.98
N PHE A 119 -1.27 -13.64 5.79
CA PHE A 119 -0.12 -13.86 4.92
C PHE A 119 1.13 -13.21 5.46
N ILE A 120 0.99 -12.06 6.13
CA ILE A 120 2.15 -11.41 6.72
C ILE A 120 2.67 -12.20 7.92
N LEU A 121 1.76 -12.77 8.70
CA LEU A 121 2.17 -13.55 9.87
C LEU A 121 2.93 -14.81 9.47
N LYS A 122 2.43 -15.53 8.46
CA LYS A 122 3.15 -16.69 7.97
C LYS A 122 4.48 -16.31 7.33
N GLU A 123 4.57 -15.10 6.77
CA GLU A 123 5.85 -14.59 6.29
C GLU A 123 6.85 -14.49 7.43
N LYS A 124 6.40 -13.99 8.59
CA LYS A 124 7.30 -13.85 9.73
C LYS A 124 7.71 -15.21 10.30
N LYS A 125 6.77 -16.15 10.36
CA LYS A 125 7.10 -17.48 10.87
C LYS A 125 8.06 -18.21 9.95
N ILE A 126 7.89 -18.07 8.63
CA ILE A 126 8.78 -18.73 7.68
C ILE A 126 10.20 -18.18 7.81
N ASN A 127 10.32 -16.86 8.01
CA ASN A 127 11.64 -16.27 8.22
C ASN A 127 12.29 -16.79 9.50
N ASP A 128 11.48 -17.09 10.52
CA ASP A 128 12.03 -17.65 11.75
C ASP A 128 12.49 -19.09 11.54
N MET A 129 11.63 -19.92 10.95
N MET A 129 11.63 -19.92 10.94
CA MET A 129 12.02 -21.31 10.70
CA MET A 129 11.92 -21.30 10.61
C MET A 129 13.03 -21.45 9.57
C MET A 129 12.94 -21.44 9.49
N LEU A 130 13.58 -20.35 9.09
CA LEU A 130 14.62 -20.34 8.07
C LEU A 130 15.94 -19.78 8.60
N LYS A 131 15.88 -18.77 9.46
CA LYS A 131 17.07 -18.30 10.15
C LYS A 131 17.56 -19.31 11.17
N LEU A 132 16.69 -20.23 11.61
CA LEU A 132 17.07 -21.34 12.47
C LEU A 132 17.79 -22.44 11.71
N VAL A 133 18.33 -22.14 10.53
CA VAL A 133 19.07 -23.11 9.73
C VAL A 133 19.85 -22.38 8.65
#